data_5Y9A
#
_entry.id   5Y9A
#
_cell.length_a   34.000
_cell.length_b   66.160
_cell.length_c   76.150
_cell.angle_alpha   90.00
_cell.angle_beta   90.00
_cell.angle_gamma   90.00
#
_symmetry.space_group_name_H-M   'P 21 21 21'
#
loop_
_entity.id
_entity.type
_entity.pdbx_description
1 polymer 'Peptidyl-tRNA hydrolase'
2 non-polymer CYTARABINE
3 non-polymer 'PHOSPHATE ION'
4 water water
#
_entity_poly.entity_id   1
_entity_poly.type   'polypeptide(L)'
_entity_poly.pdbx_seq_one_letter_code
;GSHMSNISLIVGLGNPGSEYAQTRHNAGFWFVEQLADKYGITLKNDPKFHGISGRGNIEGHDVRLLLPMTYMNRSGQSVV
PFSKFYQIAPEAILIAHDELDMNPGVIRLKTGGGHGGHNGLRDIVPHIGPNFHRLRIGIGHPGSKERVSGHVLGKAPSNE
QSLMDGAIDHALSKVKLLVQGQVPQAMNQINAYKPA
;
_entity_poly.pdbx_strand_id   A
#
loop_
_chem_comp.id
_chem_comp.type
_chem_comp.name
_chem_comp.formula
AR3 non-polymer CYTARABINE 'C9 H13 N3 O5'
PO4 non-polymer 'PHOSPHATE ION' 'O4 P -3'
#
# COMPACT_ATOMS: atom_id res chain seq x y z
N GLY A 1 1.08 -12.83 -17.51
CA GLY A 1 1.52 -12.06 -16.35
C GLY A 1 0.98 -10.64 -16.47
N SER A 2 1.77 -9.76 -15.91
CA SER A 2 1.50 -8.31 -16.02
C SER A 2 1.89 -7.77 -17.37
N HIS A 3 1.47 -6.55 -17.67
CA HIS A 3 1.61 -6.01 -18.93
C HIS A 3 2.02 -4.55 -18.76
N MET A 4 3.32 -4.24 -19.11
CA MET A 4 3.84 -2.88 -19.07
C MET A 4 3.66 -2.31 -17.67
N SER A 5 3.39 -1.00 -17.53
CA SER A 5 3.16 -0.34 -16.26
C SER A 5 1.70 -0.11 -16.02
N ASN A 6 0.78 -0.91 -16.63
CA ASN A 6 -0.50 -1.00 -16.10
C ASN A 6 -0.38 -1.66 -14.72
N ILE A 7 -0.87 -1.02 -13.71
CA ILE A 7 -0.80 -1.70 -12.38
C ILE A 7 -1.75 -2.86 -12.35
N SER A 8 -1.22 -4.06 -12.01
CA SER A 8 -2.07 -5.21 -11.88
C SER A 8 -1.97 -5.97 -10.57
N LEU A 9 -1.11 -5.52 -9.68
CA LEU A 9 -1.07 -6.03 -8.32
C LEU A 9 -1.01 -4.84 -7.37
N ILE A 10 -1.94 -4.77 -6.43
CA ILE A 10 -1.93 -3.74 -5.41
C ILE A 10 -1.80 -4.43 -4.07
N VAL A 11 -0.72 -4.10 -3.37
CA VAL A 11 -0.38 -4.67 -2.07
C VAL A 11 -0.63 -3.64 -1.01
N GLY A 12 -1.22 -4.05 0.12
CA GLY A 12 -1.29 -3.18 1.29
C GLY A 12 -0.49 -3.80 2.40
N LEU A 13 0.41 -2.99 3.00
CA LEU A 13 1.20 -3.50 4.10
C LEU A 13 0.56 -3.22 5.44
N GLY A 14 0.83 -4.09 6.40
CA GLY A 14 0.24 -4.01 7.72
C GLY A 14 0.55 -5.25 8.52
N ASN A 15 0.01 -5.26 9.74
CA ASN A 15 0.11 -6.43 10.63
C ASN A 15 -1.29 -7.05 10.79
N PRO A 16 -1.34 -8.37 10.98
CA PRO A 16 -2.59 -9.05 11.22
C PRO A 16 -3.09 -8.88 12.64
N GLY A 17 -4.41 -9.08 12.79
CA GLY A 17 -5.01 -9.10 14.14
C GLY A 17 -5.74 -7.84 14.54
N SER A 18 -6.74 -8.02 15.32
CA SER A 18 -7.57 -6.87 15.71
C SER A 18 -6.73 -5.84 16.49
N GLU A 19 -5.69 -6.31 17.19
CA GLU A 19 -4.89 -5.40 17.98
C GLU A 19 -4.12 -4.41 17.13
N TYR A 20 -3.87 -4.71 15.84
CA TYR A 20 -3.12 -3.87 15.00
C TYR A 20 -3.95 -3.14 13.95
N ALA A 21 -5.22 -3.53 13.82
CA ALA A 21 -5.99 -3.08 12.65
C ALA A 21 -6.13 -1.56 12.56
N GLN A 22 -6.22 -0.89 13.74
CA GLN A 22 -6.40 0.57 13.81
C GLN A 22 -5.09 1.35 13.97
N THR A 23 -3.96 0.69 13.91
CA THR A 23 -2.70 1.35 14.13
C THR A 23 -2.16 1.96 12.81
N ARG A 24 -1.35 2.99 12.98
CA ARG A 24 -0.81 3.76 11.84
C ARG A 24 -0.08 2.87 10.84
N HIS A 25 0.60 1.84 11.35
CA HIS A 25 1.35 0.94 10.48
C HIS A 25 0.51 0.12 9.54
N ASN A 26 -0.80 0.14 9.77
CA ASN A 26 -1.76 -0.55 8.92
C ASN A 26 -2.39 0.37 7.87
N ALA A 27 -1.82 1.57 7.60
CA ALA A 27 -2.41 2.44 6.62
C ALA A 27 -2.59 1.77 5.26
N GLY A 28 -1.62 0.92 4.85
CA GLY A 28 -1.76 0.24 3.59
C GLY A 28 -2.90 -0.72 3.54
N PHE A 29 -3.17 -1.46 4.61
CA PHE A 29 -4.34 -2.28 4.74
C PHE A 29 -5.62 -1.45 4.54
N TRP A 30 -5.67 -0.27 5.21
CA TRP A 30 -6.86 0.56 5.11
C TRP A 30 -7.15 0.85 3.67
N PHE A 31 -6.13 1.28 2.92
CA PHE A 31 -6.31 1.63 1.52
C PHE A 31 -6.82 0.45 0.71
N VAL A 32 -6.13 -0.69 0.85
CA VAL A 32 -6.52 -1.83 0.01
C VAL A 32 -7.86 -2.37 0.37
N GLU A 33 -8.21 -2.40 1.66
CA GLU A 33 -9.53 -2.87 2.06
C GLU A 33 -10.61 -1.95 1.48
N GLN A 34 -10.38 -0.65 1.52
CA GLN A 34 -11.34 0.30 0.98
C GLN A 34 -11.46 0.14 -0.54
N LEU A 35 -10.33 -0.07 -1.21
CA LEU A 35 -10.33 -0.27 -2.65
C LEU A 35 -11.09 -1.52 -3.03
N ALA A 36 -10.88 -2.60 -2.28
CA ALA A 36 -11.57 -3.82 -2.53
C ALA A 36 -13.09 -3.62 -2.42
N ASP A 37 -13.50 -2.87 -1.38
CA ASP A 37 -14.90 -2.60 -1.23
C ASP A 37 -15.48 -1.74 -2.37
N LYS A 38 -14.74 -0.78 -2.81
CA LYS A 38 -15.20 0.09 -3.90
C LYS A 38 -15.47 -0.69 -5.12
N TYR A 39 -14.59 -1.62 -5.48
CA TYR A 39 -14.66 -2.35 -6.74
C TYR A 39 -15.28 -3.73 -6.60
N GLY A 40 -15.69 -4.14 -5.43
CA GLY A 40 -16.26 -5.48 -5.22
C GLY A 40 -15.34 -6.62 -5.43
N ILE A 41 -14.09 -6.42 -5.01
CA ILE A 41 -13.07 -7.47 -5.05
C ILE A 41 -13.10 -8.20 -3.73
N THR A 42 -13.29 -9.49 -3.74
CA THR A 42 -13.29 -10.27 -2.52
C THR A 42 -11.86 -10.54 -2.02
N LEU A 43 -11.57 -10.21 -0.77
CA LEU A 43 -10.31 -10.48 -0.15
C LEU A 43 -10.53 -11.76 0.65
N LYS A 44 -9.95 -12.81 0.20
CA LYS A 44 -10.16 -14.11 0.76
C LYS A 44 -8.87 -14.73 1.28
N ASN A 45 -9.03 -15.66 2.16
CA ASN A 45 -7.95 -16.28 2.74
C ASN A 45 -6.98 -16.92 1.70
N ASP A 46 -5.65 -16.69 1.75
CA ASP A 46 -4.69 -17.22 0.80
C ASP A 46 -3.50 -17.81 1.48
N PRO A 47 -3.68 -18.94 2.12
CA PRO A 47 -2.61 -19.52 2.94
C PRO A 47 -1.33 -19.81 2.13
N LYS A 48 -1.49 -20.22 0.87
CA LYS A 48 -0.28 -20.54 0.03
C LYS A 48 0.67 -19.40 0.01
N PHE A 49 0.16 -18.16 0.00
CA PHE A 49 1.04 -16.98 -0.08
C PHE A 49 1.01 -16.17 1.23
N HIS A 50 0.63 -16.85 2.31
CA HIS A 50 0.71 -16.22 3.64
C HIS A 50 0.01 -14.87 3.69
N GLY A 51 -1.17 -14.81 3.13
CA GLY A 51 -1.88 -13.54 3.08
C GLY A 51 -3.35 -13.73 2.87
N ILE A 52 -3.96 -12.59 2.59
CA ILE A 52 -5.35 -12.51 2.11
C ILE A 52 -5.24 -11.86 0.76
N SER A 53 -5.96 -12.37 -0.23
CA SER A 53 -5.81 -11.89 -1.59
C SER A 53 -7.11 -11.90 -2.31
N GLY A 54 -7.16 -11.18 -3.44
CA GLY A 54 -8.31 -11.19 -4.27
C GLY A 54 -7.95 -10.87 -5.71
N ARG A 55 -8.91 -11.04 -6.59
CA ARG A 55 -8.79 -10.73 -7.98
C ARG A 55 -10.09 -10.24 -8.50
N GLY A 56 -10.05 -9.15 -9.26
CA GLY A 56 -11.32 -8.69 -9.87
C GLY A 56 -11.00 -7.55 -10.83
N ASN A 57 -12.04 -7.04 -11.38
CA ASN A 57 -11.95 -5.96 -12.40
C ASN A 57 -11.98 -4.58 -11.78
N ILE A 58 -11.02 -3.78 -12.19
CA ILE A 58 -11.01 -2.39 -11.85
C ILE A 58 -10.99 -1.67 -13.19
N GLU A 59 -12.14 -1.05 -13.51
CA GLU A 59 -12.16 -0.28 -14.71
C GLU A 59 -11.78 -1.02 -16.00
N GLY A 60 -12.17 -2.25 -16.09
CA GLY A 60 -11.86 -3.04 -17.30
C GLY A 60 -10.51 -3.74 -17.29
N HIS A 61 -9.81 -3.72 -16.18
CA HIS A 61 -8.52 -4.38 -16.07
C HIS A 61 -8.56 -5.42 -14.96
N ASP A 62 -7.93 -6.56 -15.18
CA ASP A 62 -7.87 -7.65 -14.19
C ASP A 62 -6.75 -7.27 -13.18
N VAL A 63 -7.13 -7.13 -11.96
CA VAL A 63 -6.19 -6.68 -10.92
C VAL A 63 -6.21 -7.62 -9.76
N ARG A 64 -5.08 -7.89 -9.16
CA ARG A 64 -4.97 -8.68 -7.93
C ARG A 64 -4.61 -7.80 -6.76
N LEU A 65 -5.23 -8.09 -5.60
CA LEU A 65 -4.96 -7.38 -4.36
C LEU A 65 -4.35 -8.35 -3.37
N LEU A 66 -3.42 -7.87 -2.52
CA LEU A 66 -2.75 -8.69 -1.56
C LEU A 66 -2.51 -7.97 -0.28
N LEU A 67 -2.88 -8.62 0.85
CA LEU A 67 -2.54 -8.16 2.19
C LEU A 67 -1.70 -9.26 2.82
N PRO A 68 -0.40 -9.07 2.99
CA PRO A 68 0.38 -10.09 3.67
C PRO A 68 -0.11 -10.26 5.11
N MET A 69 -0.07 -11.53 5.57
CA MET A 69 -0.46 -11.87 6.95
C MET A 69 0.73 -12.39 7.74
N THR A 70 1.91 -11.98 7.36
CA THR A 70 3.19 -12.38 7.83
C THR A 70 3.76 -11.65 9.02
N TYR A 71 3.11 -10.53 9.38
CA TYR A 71 3.64 -9.45 10.17
C TYR A 71 4.55 -8.60 9.28
N MET A 72 4.65 -7.33 9.64
CA MET A 72 5.23 -6.35 8.70
C MET A 72 6.58 -6.70 8.23
N ASN A 73 7.52 -7.05 9.13
CA ASN A 73 8.89 -7.27 8.77
C ASN A 73 9.15 -8.54 8.00
N ARG A 74 8.15 -9.32 7.74
CA ARG A 74 8.24 -10.50 6.89
C ARG A 74 7.36 -10.40 5.65
N SER A 75 6.94 -9.17 5.28
CA SER A 75 6.02 -8.96 4.19
C SER A 75 6.46 -9.58 2.87
N GLY A 76 7.79 -9.58 2.64
CA GLY A 76 8.29 -10.19 1.42
C GLY A 76 8.06 -11.64 1.29
N GLN A 77 7.84 -12.34 2.42
CA GLN A 77 7.55 -13.74 2.39
C GLN A 77 6.16 -14.03 1.79
N SER A 78 5.33 -13.03 1.65
CA SER A 78 4.06 -13.06 0.88
C SER A 78 4.25 -12.45 -0.50
N VAL A 79 4.71 -11.21 -0.54
CA VAL A 79 4.69 -10.44 -1.79
C VAL A 79 5.58 -11.08 -2.88
N VAL A 80 6.76 -11.57 -2.47
CA VAL A 80 7.71 -12.10 -3.49
C VAL A 80 7.18 -13.36 -4.12
N PRO A 81 6.82 -14.40 -3.40
CA PRO A 81 6.29 -15.56 -4.07
C PRO A 81 5.01 -15.32 -4.83
N PHE A 82 4.15 -14.45 -4.32
CA PHE A 82 2.89 -14.17 -5.03
C PHE A 82 3.19 -13.54 -6.37
N SER A 83 4.01 -12.52 -6.36
CA SER A 83 4.30 -11.83 -7.63
C SER A 83 5.02 -12.77 -8.61
N LYS A 84 5.91 -13.62 -8.11
CA LYS A 84 6.59 -14.54 -8.98
C LYS A 84 5.63 -15.55 -9.56
N PHE A 85 4.74 -16.11 -8.76
CA PHE A 85 3.84 -17.12 -9.29
C PHE A 85 2.93 -16.61 -10.36
N TYR A 86 2.43 -15.40 -10.18
CA TYR A 86 1.55 -14.75 -11.16
C TYR A 86 2.27 -13.99 -12.25
N GLN A 87 3.61 -14.03 -12.24
CA GLN A 87 4.39 -13.38 -13.27
C GLN A 87 4.14 -11.91 -13.39
N ILE A 88 4.06 -11.25 -12.22
CA ILE A 88 3.85 -9.83 -12.15
C ILE A 88 5.16 -9.15 -11.89
N ALA A 89 5.57 -8.33 -12.87
CA ALA A 89 6.83 -7.59 -12.79
C ALA A 89 6.66 -6.41 -11.81
N PRO A 90 7.79 -5.96 -11.19
CA PRO A 90 7.69 -4.83 -10.26
C PRO A 90 7.03 -3.61 -10.78
N GLU A 91 7.25 -3.35 -12.11
CA GLU A 91 6.70 -2.18 -12.71
C GLU A 91 5.16 -2.16 -12.77
N ALA A 92 4.56 -3.31 -12.53
CA ALA A 92 3.11 -3.46 -12.50
C ALA A 92 2.57 -3.57 -11.06
N ILE A 93 3.41 -3.32 -10.07
CA ILE A 93 3.03 -3.45 -8.66
C ILE A 93 2.93 -2.09 -8.02
N LEU A 94 1.84 -1.89 -7.26
CA LEU A 94 1.68 -0.74 -6.37
C LEU A 94 1.66 -1.27 -4.96
N ILE A 95 2.50 -0.72 -4.08
CA ILE A 95 2.51 -1.08 -2.66
C ILE A 95 2.08 0.14 -1.85
N ALA A 96 0.98 0.05 -1.16
CA ALA A 96 0.53 1.08 -0.24
C ALA A 96 1.07 0.86 1.13
N HIS A 97 1.61 1.92 1.74
CA HIS A 97 2.23 1.78 3.04
C HIS A 97 2.18 3.14 3.76
N ASP A 98 2.32 3.03 5.08
CA ASP A 98 2.51 4.19 5.93
C ASP A 98 3.88 4.82 5.70
N GLU A 99 3.90 6.14 5.75
CA GLU A 99 5.13 6.88 5.52
C GLU A 99 5.34 7.88 6.68
N LEU A 100 6.38 7.61 7.47
CA LEU A 100 6.76 8.43 8.63
C LEU A 100 7.21 9.81 8.17
N ASP A 101 7.80 9.93 6.98
CA ASP A 101 8.42 11.17 6.52
C ASP A 101 7.47 12.08 5.88
N MET A 102 6.13 11.88 6.02
CA MET A 102 5.13 12.75 5.49
C MET A 102 4.00 12.98 6.53
N ASN A 103 3.33 14.15 6.45
CA ASN A 103 2.26 14.46 7.37
C ASN A 103 1.02 13.66 7.15
N PRO A 104 0.22 13.41 8.21
CA PRO A 104 -1.15 12.92 8.00
C PRO A 104 -1.90 13.85 7.05
N GLY A 105 -2.59 13.30 6.08
CA GLY A 105 -3.24 14.06 5.08
C GLY A 105 -2.43 14.34 3.82
N VAL A 106 -1.16 13.93 3.83
CA VAL A 106 -0.32 13.98 2.66
C VAL A 106 -0.25 12.57 2.09
N ILE A 107 -0.28 12.45 0.79
CA ILE A 107 -0.15 11.21 0.11
C ILE A 107 0.60 11.44 -1.16
N ARG A 108 1.46 10.51 -1.53
CA ARG A 108 2.30 10.64 -2.69
C ARG A 108 2.42 9.31 -3.41
N LEU A 109 2.46 9.36 -4.70
CA LEU A 109 2.80 8.20 -5.53
C LEU A 109 4.24 8.33 -5.94
N LYS A 110 5.04 7.33 -5.64
CA LYS A 110 6.48 7.32 -5.91
C LYS A 110 6.82 6.07 -6.68
N THR A 111 7.74 6.19 -7.62
CA THR A 111 8.29 5.01 -8.28
C THR A 111 9.72 4.89 -7.93
N GLY A 112 10.11 3.71 -7.48
CA GLY A 112 11.50 3.54 -7.14
C GLY A 112 11.91 4.06 -5.78
N GLY A 113 13.24 4.12 -5.51
CA GLY A 113 13.80 4.47 -4.22
C GLY A 113 13.90 3.28 -3.26
N GLY A 114 14.50 3.59 -2.08
CA GLY A 114 14.67 2.55 -1.09
C GLY A 114 13.51 2.44 -0.14
N HIS A 115 13.76 1.80 0.95
CA HIS A 115 12.72 1.49 1.94
C HIS A 115 12.44 2.66 2.86
N GLY A 116 13.30 3.66 2.95
CA GLY A 116 13.12 4.78 3.83
C GLY A 116 12.96 4.39 5.26
N GLY A 117 13.57 3.30 5.64
CA GLY A 117 13.45 2.78 6.97
C GLY A 117 12.23 1.97 7.31
N HIS A 118 11.38 1.76 6.34
CA HIS A 118 10.15 1.02 6.54
C HIS A 118 10.50 -0.47 6.49
N ASN A 119 10.19 -1.20 7.55
CA ASN A 119 10.63 -2.57 7.66
C ASN A 119 9.83 -3.57 6.80
N GLY A 120 8.65 -3.15 6.33
CA GLY A 120 7.97 -3.94 5.34
C GLY A 120 8.60 -3.87 4.00
N LEU A 121 8.85 -2.65 3.55
CA LEU A 121 9.57 -2.43 2.29
C LEU A 121 10.93 -3.06 2.32
N ARG A 122 11.62 -2.99 3.51
CA ARG A 122 12.94 -3.55 3.65
C ARG A 122 12.96 -5.05 3.34
N ASP A 123 11.86 -5.75 3.58
CA ASP A 123 11.74 -7.16 3.33
C ASP A 123 11.41 -7.48 1.87
N ILE A 124 11.11 -6.51 1.04
CA ILE A 124 10.62 -6.70 -0.31
C ILE A 124 11.68 -6.28 -1.36
N VAL A 125 12.24 -5.06 -1.20
CA VAL A 125 13.18 -4.53 -2.16
C VAL A 125 14.38 -5.46 -2.47
N PRO A 126 14.96 -6.22 -1.49
CA PRO A 126 16.08 -7.06 -1.82
C PRO A 126 15.79 -8.11 -2.87
N HIS A 127 14.53 -8.50 -2.99
CA HIS A 127 14.10 -9.61 -3.84
C HIS A 127 13.66 -9.17 -5.19
N ILE A 128 12.82 -8.17 -5.25
CA ILE A 128 12.26 -7.71 -6.49
C ILE A 128 12.89 -6.46 -7.03
N GLY A 129 13.75 -5.83 -6.27
CA GLY A 129 14.33 -4.58 -6.70
C GLY A 129 13.39 -3.42 -6.36
N PRO A 130 13.83 -2.19 -6.65
CA PRO A 130 13.11 -1.01 -6.22
C PRO A 130 12.06 -0.52 -7.17
N ASN A 131 11.95 -1.06 -8.39
CA ASN A 131 11.20 -0.41 -9.42
C ASN A 131 9.71 -0.69 -9.40
N PHE A 132 9.14 -0.82 -8.27
CA PHE A 132 7.69 -0.85 -8.06
C PHE A 132 7.23 0.48 -7.59
N HIS A 133 5.94 0.71 -7.75
CA HIS A 133 5.30 1.98 -7.37
C HIS A 133 4.83 1.85 -5.90
N ARG A 134 4.82 3.01 -5.21
CA ARG A 134 4.42 3.07 -3.83
C ARG A 134 3.40 4.18 -3.66
N LEU A 135 2.39 3.87 -2.89
CA LEU A 135 1.45 4.87 -2.41
C LEU A 135 1.84 5.14 -0.97
N ARG A 136 2.52 6.27 -0.78
CA ARG A 136 3.06 6.65 0.51
C ARG A 136 1.98 7.44 1.26
N ILE A 137 1.48 6.87 2.32
CA ILE A 137 0.38 7.46 3.09
C ILE A 137 0.99 8.10 4.32
N GLY A 138 1.04 9.44 4.37
CA GLY A 138 1.68 10.07 5.49
C GLY A 138 1.03 9.73 6.79
N ILE A 139 1.87 9.46 7.80
CA ILE A 139 1.41 9.20 9.17
C ILE A 139 2.08 10.09 10.19
N GLY A 140 3.02 10.92 9.79
CA GLY A 140 3.92 11.72 10.77
C GLY A 140 4.98 10.81 11.43
N HIS A 141 5.98 11.53 12.13
CA HIS A 141 7.09 10.87 12.84
C HIS A 141 7.11 11.19 14.23
N PRO A 142 7.35 10.25 15.19
CA PRO A 142 7.39 10.63 16.63
C PRO A 142 8.38 11.55 17.06
N GLY A 143 9.09 12.20 16.16
CA GLY A 143 10.37 12.83 16.58
C GLY A 143 11.60 11.97 16.69
N SER A 144 11.86 11.37 17.86
CA SER A 144 13.02 10.43 18.07
C SER A 144 12.93 8.98 17.45
N LYS A 145 14.05 8.25 17.22
CA LYS A 145 14.04 6.87 16.54
C LYS A 145 13.57 5.73 17.50
N GLU A 146 13.76 6.05 18.77
CA GLU A 146 13.40 5.14 19.83
C GLU A 146 11.87 5.17 19.99
N ARG A 147 11.26 6.28 19.58
CA ARG A 147 9.78 6.32 19.55
C ARG A 147 9.06 5.72 18.37
N VAL A 148 9.77 5.25 17.32
CA VAL A 148 9.08 4.92 16.10
C VAL A 148 8.14 3.79 16.35
N SER A 149 8.48 2.75 17.07
CA SER A 149 7.54 1.67 17.32
C SER A 149 6.30 2.22 18.02
N GLY A 150 6.40 3.11 19.00
CA GLY A 150 5.18 3.59 19.66
C GLY A 150 4.32 4.41 18.78
N HIS A 151 4.91 5.10 17.83
CA HIS A 151 4.13 5.86 16.92
C HIS A 151 3.42 4.97 15.94
N VAL A 152 4.17 4.01 15.25
CA VAL A 152 3.55 3.24 14.21
C VAL A 152 2.59 2.25 14.74
N LEU A 153 2.79 1.76 15.95
CA LEU A 153 1.90 0.84 16.55
C LEU A 153 0.82 1.49 17.38
N GLY A 154 0.69 2.86 17.29
CA GLY A 154 -0.30 3.60 17.95
C GLY A 154 -1.50 3.84 17.08
N LYS A 155 -2.62 4.18 17.74
CA LYS A 155 -3.87 4.58 17.08
C LYS A 155 -3.91 6.09 17.04
N ALA A 156 -3.92 6.67 15.83
CA ALA A 156 -3.84 8.12 15.68
C ALA A 156 -5.01 8.79 16.36
N PRO A 157 -4.75 10.03 16.83
CA PRO A 157 -5.88 10.83 17.28
C PRO A 157 -6.85 11.13 16.16
N SER A 158 -8.09 11.46 16.48
CA SER A 158 -9.12 11.62 15.47
C SER A 158 -8.78 12.64 14.42
N ASN A 159 -8.14 13.78 14.70
CA ASN A 159 -7.87 14.73 13.66
C ASN A 159 -6.91 14.15 12.63
N GLU A 160 -5.85 13.47 13.11
CA GLU A 160 -4.94 12.82 12.17
C GLU A 160 -5.59 11.70 11.43
N GLN A 161 -6.43 10.92 12.08
CA GLN A 161 -7.15 9.88 11.38
C GLN A 161 -8.01 10.42 10.27
N SER A 162 -8.73 11.51 10.53
CA SER A 162 -9.57 12.14 9.51
C SER A 162 -8.72 12.63 8.33
N LEU A 163 -7.54 13.21 8.62
CA LEU A 163 -6.69 13.69 7.56
C LEU A 163 -6.19 12.46 6.69
N MET A 164 -5.80 11.38 7.34
CA MET A 164 -5.41 10.19 6.56
C MET A 164 -6.57 9.65 5.77
N ASP A 165 -7.73 9.57 6.40
CA ASP A 165 -8.85 8.99 5.70
C ASP A 165 -9.21 9.77 4.44
N GLY A 166 -9.17 11.10 4.52
CA GLY A 166 -9.45 11.92 3.32
C GLY A 166 -8.43 11.70 2.21
N ALA A 167 -7.18 11.58 2.58
CA ALA A 167 -6.12 11.30 1.60
C ALA A 167 -6.29 9.94 0.92
N ILE A 168 -6.63 8.94 1.76
CA ILE A 168 -6.89 7.63 1.21
C ILE A 168 -8.05 7.63 0.29
N ASP A 169 -9.12 8.32 0.65
CA ASP A 169 -10.27 8.44 -0.22
C ASP A 169 -9.89 9.06 -1.54
N HIS A 170 -9.12 10.11 -1.53
CA HIS A 170 -8.63 10.74 -2.75
C HIS A 170 -7.88 9.77 -3.59
N ALA A 171 -6.98 9.03 -3.03
CA ALA A 171 -6.18 8.09 -3.81
C ALA A 171 -7.04 7.01 -4.44
N LEU A 172 -8.12 6.59 -3.73
CA LEU A 172 -8.97 5.57 -4.30
C LEU A 172 -9.53 5.99 -5.67
N SER A 173 -9.82 7.28 -5.76
CA SER A 173 -10.39 7.83 -6.96
C SER A 173 -9.38 7.92 -8.13
N LYS A 174 -8.09 7.70 -7.86
CA LYS A 174 -7.07 7.78 -8.84
C LYS A 174 -6.55 6.40 -9.28
N VAL A 175 -7.04 5.34 -8.65
CA VAL A 175 -6.61 3.98 -9.06
C VAL A 175 -6.98 3.69 -10.48
N LYS A 176 -8.07 4.21 -10.98
CA LYS A 176 -8.45 4.05 -12.37
C LYS A 176 -7.26 4.44 -13.29
N LEU A 177 -6.63 5.57 -13.02
CA LEU A 177 -5.48 5.97 -13.83
C LEU A 177 -4.36 4.98 -13.78
N LEU A 178 -4.07 4.46 -12.57
CA LEU A 178 -2.98 3.53 -12.39
C LEU A 178 -3.18 2.22 -13.13
N VAL A 179 -4.39 1.63 -13.04
CA VAL A 179 -4.60 0.38 -13.73
C VAL A 179 -4.60 0.54 -15.25
N GLN A 180 -4.79 1.75 -15.73
CA GLN A 180 -4.68 2.11 -17.12
C GLN A 180 -3.28 2.49 -17.56
N GLY A 181 -2.34 2.52 -16.65
CA GLY A 181 -0.97 2.83 -17.02
C GLY A 181 -0.63 4.33 -17.07
N GLN A 182 -1.56 5.16 -16.60
CA GLN A 182 -1.38 6.62 -16.61
C GLN A 182 -0.67 7.04 -15.37
N VAL A 183 0.53 6.51 -15.13
CA VAL A 183 1.25 6.78 -13.92
C VAL A 183 1.61 8.21 -13.78
N PRO A 184 2.13 8.90 -14.86
CA PRO A 184 2.42 10.35 -14.69
C PRO A 184 1.23 11.14 -14.23
N GLN A 185 0.10 10.96 -14.86
CA GLN A 185 -1.10 11.74 -14.47
C GLN A 185 -1.49 11.38 -13.07
N ALA A 186 -1.47 10.13 -12.74
CA ALA A 186 -1.83 9.73 -11.37
C ALA A 186 -0.94 10.37 -10.37
N MET A 187 0.36 10.40 -10.65
CA MET A 187 1.31 10.99 -9.72
C MET A 187 0.96 12.46 -9.52
N ASN A 188 0.74 13.19 -10.63
CA ASN A 188 0.44 14.58 -10.48
C ASN A 188 -0.80 14.78 -9.62
N GLN A 189 -1.85 14.03 -9.93
CA GLN A 189 -3.12 14.25 -9.27
C GLN A 189 -3.18 13.71 -7.84
N ILE A 190 -2.50 12.64 -7.52
CA ILE A 190 -2.38 12.20 -6.12
C ILE A 190 -1.54 13.16 -5.31
N ASN A 191 -0.39 13.55 -5.85
CA ASN A 191 0.60 14.34 -5.07
C ASN A 191 0.08 15.73 -4.79
N ALA A 192 -0.87 16.22 -5.60
CA ALA A 192 -1.50 17.56 -5.42
C ALA A 192 -2.54 17.55 -4.35
N TYR A 193 -2.94 16.44 -3.77
CA TYR A 193 -3.98 16.42 -2.75
C TYR A 193 -3.61 17.33 -1.58
N LYS A 194 -4.62 18.09 -1.16
CA LYS A 194 -4.59 18.82 0.09
C LYS A 194 -5.86 18.52 0.90
N PRO A 195 -5.77 18.51 2.20
CA PRO A 195 -6.93 18.17 3.02
C PRO A 195 -7.99 19.25 3.15
N ALA A 196 -7.58 20.49 3.00
CA ALA A 196 -8.39 21.65 3.31
C ALA A 196 -8.04 22.78 2.44
O5' AR3 B . -9.87 3.37 13.28
C5' AR3 B . -8.73 3.66 12.47
C4' AR3 B . -8.69 2.80 11.16
O4' AR3 B . -8.67 1.45 11.57
C1' AR3 B . -9.20 0.58 10.56
N1 AR3 B . -10.15 -0.27 11.24
C6 AR3 B . -10.98 0.21 12.22
C5 AR3 B . -11.80 -0.65 12.98
C4 AR3 B . -11.80 -2.04 12.64
N3 AR3 B . -10.99 -2.49 11.60
C2 AR3 B . -10.14 -1.66 10.93
O2 AR3 B . -9.45 -2.03 9.95
N4 AR3 B . -12.60 -2.90 13.29
C2' AR3 B . -9.77 1.55 9.54
O1 AR3 B . -11.01 1.00 9.04
C3' AR3 B . -9.91 2.87 10.22
O3' AR3 B . -9.78 4.02 9.30
P PO4 C . 8.35 -3.02 12.25
O1 PO4 C . 7.72 -2.76 11.01
O2 PO4 C . 8.97 -4.32 12.22
O3 PO4 C . 9.42 -2.04 12.44
O4 PO4 C . 7.35 -2.77 13.29
#